data_3DFL
#
_entry.id   3DFL
#
_cell.length_a   53.498
_cell.length_b   54.846
_cell.length_c   83.279
_cell.angle_alpha   90.000
_cell.angle_beta   90.000
_cell.angle_gamma   90.000
#
_symmetry.space_group_name_H-M   'P 21 21 21'
#
loop_
_entity.id
_entity.type
_entity.pdbx_description
1 polymer Prostasin
2 non-polymer '4-carbamimidamidobenzoic acid'
3 water water
#
_entity_poly.entity_id   1
_entity_poly.type   'polypeptide(L)'
_entity_poly.pdbx_seq_one_letter_code
;ITGGSSAVAGQWPWQVSITYEGVHVCGGSLVSEQWVLSAAHCFPSEHHKEAYEVKLGAHQLDSYSEDAKVSTLKDIIPHP
SYLQEGSQGDIALLQLSRPITFSRYIRPISLPAANASFPNGLHCTVTGWGHVAPSVSLLTPKPLQQLEVPLISRETCNAL
YNIDAKPEEPHFVQEDMVCAGYVEGGKDACQGDSGGPLSCPVEGLWYLTGIVSWGDACGARNRPGVYTLASSYASWIQSK
VTELQLVPRGSGSGSLEHHHHHH
;
_entity_poly.pdbx_strand_id   A
#
# COMPACT_ATOMS: atom_id res chain seq x y z
N ILE A 1 9.14 4.22 -4.89
CA ILE A 1 9.17 5.50 -4.13
C ILE A 1 10.19 6.44 -4.75
N THR A 2 9.74 7.60 -5.20
CA THR A 2 10.64 8.62 -5.74
C THR A 2 10.86 9.73 -4.71
N GLY A 3 12.10 10.24 -4.61
CA GLY A 3 12.46 11.31 -3.67
C GLY A 3 12.57 10.87 -2.22
N GLY A 4 12.58 9.56 -1.98
CA GLY A 4 12.64 9.00 -0.63
C GLY A 4 14.05 8.61 -0.23
N SER A 5 14.14 7.67 0.71
CA SER A 5 15.44 7.17 1.17
C SER A 5 15.29 5.73 1.58
N SER A 6 16.42 5.04 1.74
CA SER A 6 16.43 3.64 2.17
C SER A 6 16.02 3.56 3.64
N ALA A 7 15.02 2.72 3.93
CA ALA A 7 14.70 2.39 5.32
C ALA A 7 15.83 1.53 5.90
N VAL A 8 15.84 1.36 7.22
CA VAL A 8 16.74 0.39 7.84
C VAL A 8 15.99 -0.93 7.94
N ALA A 9 16.71 -2.04 7.85
CA ALA A 9 16.10 -3.38 7.95
C ALA A 9 15.21 -3.50 9.19
N GLY A 10 13.99 -3.99 9.01
CA GLY A 10 13.05 -4.18 10.11
C GLY A 10 12.29 -2.95 10.60
N GLN A 11 12.58 -1.78 10.01
CA GLN A 11 11.93 -0.51 10.40
C GLN A 11 10.41 -0.51 10.12
N TRP A 12 10.00 -1.21 9.07
CA TRP A 12 8.59 -1.25 8.69
C TRP A 12 8.17 -2.71 8.56
N PRO A 13 8.09 -3.42 9.71
CA PRO A 13 8.00 -4.90 9.70
C PRO A 13 6.67 -5.47 9.18
N TRP A 14 5.69 -4.59 8.96
CA TRP A 14 4.42 -4.97 8.32
C TRP A 14 4.46 -4.94 6.78
N GLN A 15 5.49 -4.32 6.21
CA GLN A 15 5.58 -4.18 4.75
C GLN A 15 5.89 -5.54 4.13
N VAL A 16 5.08 -5.94 3.14
CA VAL A 16 5.35 -7.17 2.40
C VAL A 16 5.51 -6.90 0.89
N SER A 17 6.21 -7.80 0.20
CA SER A 17 6.27 -7.77 -1.24
C SER A 17 5.31 -8.81 -1.81
N ILE A 18 4.53 -8.42 -2.80
CA ILE A 18 3.59 -9.32 -3.43
C ILE A 18 4.04 -9.61 -4.85
N THR A 19 4.23 -10.89 -5.16
CA THR A 19 4.73 -11.27 -6.47
C THR A 19 3.69 -12.06 -7.26
N TYR A 20 3.77 -11.96 -8.57
CA TYR A 20 2.98 -12.79 -9.48
C TYR A 20 3.91 -13.45 -10.48
N GLU A 21 3.87 -14.78 -10.52
CA GLU A 21 4.83 -15.56 -11.30
C GLU A 21 6.27 -15.13 -11.00
N GLY A 22 6.56 -14.94 -9.72
CA GLY A 22 7.92 -14.62 -9.28
C GLY A 22 8.38 -13.18 -9.39
N VAL A 23 7.54 -12.31 -9.95
CA VAL A 23 7.93 -10.91 -10.19
C VAL A 23 7.18 -9.98 -9.23
N HIS A 24 7.91 -9.10 -8.53
CA HIS A 24 7.27 -8.13 -7.63
C HIS A 24 6.30 -7.24 -8.39
N VAL A 25 5.04 -7.21 -7.96
CA VAL A 25 4.03 -6.36 -8.61
C VAL A 25 3.41 -5.29 -7.70
N CYS A 26 3.39 -5.56 -6.39
CA CYS A 26 2.68 -4.70 -5.44
C CYS A 26 3.21 -4.85 -4.02
N GLY A 27 2.93 -3.85 -3.21
CA GLY A 27 3.14 -3.92 -1.77
C GLY A 27 1.90 -4.48 -1.09
N GLY A 28 2.03 -4.67 0.23
CA GLY A 28 0.93 -5.04 1.09
C GLY A 28 1.32 -4.83 2.55
N SER A 29 0.35 -5.02 3.45
CA SER A 29 0.59 -4.83 4.89
C SER A 29 0.07 -6.01 5.68
N LEU A 30 0.96 -6.62 6.46
CA LEU A 30 0.59 -7.66 7.41
C LEU A 30 -0.32 -7.07 8.49
N VAL A 31 -1.47 -7.68 8.72
CA VAL A 31 -2.42 -7.20 9.73
C VAL A 31 -2.74 -8.23 10.82
N SER A 32 -2.35 -9.47 10.59
CA SER A 32 -2.43 -10.51 11.63
C SER A 32 -1.57 -11.71 11.22
N GLU A 33 -1.70 -12.83 11.92
CA GLU A 33 -0.87 -14.01 11.64
C GLU A 33 -1.09 -14.60 10.25
N GLN A 34 -2.29 -14.41 9.70
CA GLN A 34 -2.64 -15.04 8.43
C GLN A 34 -3.24 -14.08 7.40
N TRP A 35 -3.30 -12.79 7.70
CA TRP A 35 -3.95 -11.84 6.79
C TRP A 35 -3.05 -10.66 6.41
N VAL A 36 -3.11 -10.31 5.13
CA VAL A 36 -2.40 -9.18 4.55
C VAL A 36 -3.43 -8.30 3.85
N LEU A 37 -3.28 -6.99 3.97
CA LEU A 37 -4.10 -6.03 3.24
C LEU A 37 -3.31 -5.45 2.08
N SER A 38 -3.95 -5.39 0.92
CA SER A 38 -3.36 -4.80 -0.27
C SER A 38 -4.45 -4.12 -1.10
N ALA A 39 -4.13 -3.74 -2.33
CA ALA A 39 -5.11 -3.08 -3.21
C ALA A 39 -5.76 -4.11 -4.12
N ALA A 40 -7.07 -3.99 -4.36
CA ALA A 40 -7.80 -4.94 -5.22
C ALA A 40 -7.28 -4.98 -6.65
N HIS A 41 -6.83 -3.83 -7.16
CA HIS A 41 -6.35 -3.74 -8.54
C HIS A 41 -5.06 -4.53 -8.77
N CYS A 42 -4.41 -4.98 -7.68
CA CYS A 42 -3.19 -5.80 -7.80
C CYS A 42 -3.52 -7.25 -8.13
N PHE A 43 -4.82 -7.57 -8.10
CA PHE A 43 -5.28 -8.95 -8.25
C PHE A 43 -6.40 -9.07 -9.28
N PRO A 44 -6.05 -8.93 -10.58
CA PRO A 44 -7.09 -9.07 -11.61
C PRO A 44 -7.67 -10.49 -11.63
N SER A 45 -8.95 -10.60 -11.99
CA SER A 45 -9.68 -11.88 -11.90
C SER A 45 -9.07 -13.01 -12.74
N GLU A 46 -8.38 -12.65 -13.82
CA GLU A 46 -7.80 -13.65 -14.73
C GLU A 46 -6.50 -14.24 -14.21
N HIS A 47 -5.92 -13.62 -13.18
CA HIS A 47 -4.68 -14.12 -12.59
C HIS A 47 -4.97 -15.34 -11.72
N HIS A 48 -4.04 -16.28 -11.71
CA HIS A 48 -4.22 -17.50 -10.92
C HIS A 48 -3.68 -17.31 -9.51
N LYS A 49 -4.51 -17.63 -8.53
CA LYS A 49 -4.14 -17.52 -7.12
C LYS A 49 -2.84 -18.27 -6.78
N GLU A 50 -2.61 -19.41 -7.42
CA GLU A 50 -1.44 -20.25 -7.13
C GLU A 50 -0.13 -19.65 -7.63
N ALA A 51 -0.22 -18.60 -8.44
CA ALA A 51 0.96 -17.95 -9.01
C ALA A 51 1.48 -16.79 -8.15
N TYR A 52 0.75 -16.46 -7.09
CA TYR A 52 1.10 -15.37 -6.20
C TYR A 52 1.95 -15.84 -5.03
N GLU A 53 2.86 -14.96 -4.60
CA GLU A 53 3.54 -15.13 -3.34
C GLU A 53 3.55 -13.83 -2.53
N VAL A 54 3.76 -14.00 -1.23
CA VAL A 54 3.95 -12.89 -0.31
C VAL A 54 5.27 -13.11 0.41
N LYS A 55 6.15 -12.11 0.31
CA LYS A 55 7.43 -12.15 1.02
C LYS A 55 7.38 -11.20 2.20
N LEU A 56 7.61 -11.75 3.40
CA LEU A 56 7.59 -10.99 4.64
C LEU A 56 8.98 -10.89 5.25
N GLY A 57 9.20 -9.85 6.06
CA GLY A 57 10.47 -9.68 6.79
C GLY A 57 11.68 -9.37 5.93
N ALA A 58 11.42 -8.81 4.76
CA ALA A 58 12.48 -8.47 3.81
C ALA A 58 12.89 -7.01 3.91
N HIS A 59 14.16 -6.75 3.64
CA HIS A 59 14.67 -5.38 3.48
C HIS A 59 15.18 -5.19 2.06
N GLN A 60 16.26 -5.88 1.71
CA GLN A 60 16.75 -5.92 0.34
C GLN A 60 16.15 -7.12 -0.37
N LEU A 61 15.30 -6.85 -1.35
CA LEU A 61 14.54 -7.91 -2.04
C LEU A 61 15.43 -8.93 -2.73
N ASP A 62 16.52 -8.48 -3.32
CA ASP A 62 17.41 -9.37 -4.08
C ASP A 62 18.42 -10.11 -3.21
N SER A 63 18.51 -9.72 -1.94
CA SER A 63 19.47 -10.32 -1.01
C SER A 63 18.85 -11.48 -0.26
N TYR A 64 19.68 -12.48 0.06
CA TYR A 64 19.22 -13.56 0.92
C TYR A 64 19.17 -13.10 2.37
N SER A 65 18.13 -13.56 3.07
CA SER A 65 17.92 -13.23 4.46
C SER A 65 17.31 -14.43 5.17
N GLU A 66 17.89 -14.80 6.31
CA GLU A 66 17.31 -15.82 7.16
C GLU A 66 16.07 -15.30 7.90
N ASP A 67 15.88 -13.98 7.88
CA ASP A 67 14.73 -13.36 8.55
C ASP A 67 13.48 -13.28 7.67
N ALA A 68 13.69 -13.25 6.34
CA ALA A 68 12.57 -13.25 5.40
C ALA A 68 11.85 -14.59 5.34
N LYS A 69 10.54 -14.52 5.10
CA LYS A 69 9.70 -15.70 4.93
C LYS A 69 8.83 -15.49 3.69
N VAL A 70 8.61 -16.56 2.93
CA VAL A 70 7.75 -16.49 1.76
C VAL A 70 6.53 -17.41 1.91
N SER A 71 5.35 -16.88 1.56
CA SER A 71 4.08 -17.62 1.65
C SER A 71 3.32 -17.56 0.34
N THR A 72 2.51 -18.59 0.10
CA THR A 72 1.51 -18.54 -0.97
C THR A 72 0.17 -18.14 -0.34
N LEU A 73 -0.86 -18.01 -1.17
CA LEU A 73 -2.19 -17.57 -0.71
C LEU A 73 -3.25 -18.67 -0.74
N LYS A 74 -4.06 -18.72 0.31
CA LYS A 74 -5.25 -19.58 0.39
C LYS A 74 -6.48 -18.89 -0.23
N ASP A 75 -6.53 -17.57 -0.14
CA ASP A 75 -7.68 -16.81 -0.64
C ASP A 75 -7.28 -15.37 -0.95
N ILE A 76 -7.97 -14.81 -1.93
CA ILE A 76 -7.84 -13.41 -2.32
C ILE A 76 -9.25 -12.80 -2.31
N ILE A 77 -9.46 -11.81 -1.45
CA ILE A 77 -10.80 -11.23 -1.26
C ILE A 77 -10.83 -9.73 -1.51
N PRO A 78 -11.08 -9.33 -2.77
CA PRO A 78 -11.27 -7.91 -3.07
C PRO A 78 -12.60 -7.44 -2.52
N HIS A 79 -12.70 -6.17 -2.16
CA HIS A 79 -13.99 -5.64 -1.76
C HIS A 79 -14.96 -5.77 -2.95
N PRO A 80 -16.20 -6.23 -2.69
CA PRO A 80 -17.23 -6.41 -3.72
C PRO A 80 -17.52 -5.16 -4.56
N SER A 81 -17.31 -3.97 -3.97
CA SER A 81 -17.59 -2.72 -4.68
C SER A 81 -16.56 -2.36 -5.75
N TYR A 82 -15.38 -3.00 -5.73
CA TYR A 82 -14.34 -2.68 -6.70
C TYR A 82 -14.73 -3.07 -8.12
N LEU A 83 -14.62 -2.12 -9.04
CA LEU A 83 -14.86 -2.38 -10.47
C LEU A 83 -13.62 -2.17 -11.35
N GLN A 84 -13.29 -0.93 -11.66
CA GLN A 84 -12.21 -0.62 -12.60
C GLN A 84 -11.13 0.19 -11.89
N GLU A 85 -10.04 0.46 -12.62
CA GLU A 85 -8.95 1.32 -12.13
C GLU A 85 -9.48 2.72 -11.80
N GLY A 86 -9.33 3.14 -10.55
CA GLY A 86 -9.82 4.44 -10.10
C GLY A 86 -11.08 4.40 -9.25
N SER A 87 -11.79 3.26 -9.29
CA SER A 87 -13.05 3.14 -8.56
C SER A 87 -12.85 3.00 -7.05
N GLN A 88 -13.93 3.19 -6.29
CA GLN A 88 -13.89 2.95 -4.85
C GLN A 88 -13.76 1.46 -4.54
N GLY A 89 -13.40 1.14 -3.30
CA GLY A 89 -13.26 -0.25 -2.85
C GLY A 89 -11.99 -0.91 -3.32
N ASP A 90 -10.95 -0.12 -3.57
CA ASP A 90 -9.65 -0.66 -4.00
C ASP A 90 -8.86 -1.17 -2.80
N ILE A 91 -9.31 -2.31 -2.27
CA ILE A 91 -8.76 -2.92 -1.07
C ILE A 91 -9.02 -4.43 -1.18
N ALA A 92 -8.05 -5.23 -0.77
CA ALA A 92 -8.21 -6.68 -0.80
C ALA A 92 -7.60 -7.33 0.42
N LEU A 93 -8.33 -8.28 0.98
CA LEU A 93 -7.82 -9.13 2.04
C LEU A 93 -7.20 -10.39 1.43
N LEU A 94 -5.98 -10.69 1.85
CA LEU A 94 -5.28 -11.89 1.39
C LEU A 94 -5.03 -12.82 2.57
N GLN A 95 -5.50 -14.06 2.43
CA GLN A 95 -5.28 -15.07 3.46
C GLN A 95 -4.08 -15.91 3.03
N LEU A 96 -3.08 -15.98 3.91
CA LEU A 96 -1.89 -16.78 3.64
C LEU A 96 -2.27 -18.27 3.71
N SER A 97 -1.57 -19.12 2.96
CA SER A 97 -1.87 -20.57 2.96
C SER A 97 -1.79 -21.18 4.36
N ARG A 98 -0.83 -20.69 5.14
CA ARG A 98 -0.64 -21.07 6.54
C ARG A 98 -0.35 -19.80 7.34
N PRO A 99 -0.68 -19.81 8.66
CA PRO A 99 -0.29 -18.67 9.49
C PRO A 99 1.22 -18.60 9.64
N ILE A 100 1.74 -17.39 9.81
CA ILE A 100 3.16 -17.21 10.07
C ILE A 100 3.40 -16.82 11.54
N THR A 101 4.65 -16.90 11.97
CA THR A 101 5.04 -16.48 13.31
C THR A 101 5.66 -15.09 13.23
N PHE A 102 5.22 -14.20 14.12
CA PHE A 102 5.79 -12.85 14.19
C PHE A 102 7.23 -12.91 14.70
N SER A 103 8.02 -11.93 14.30
CA SER A 103 9.43 -11.86 14.69
C SER A 103 9.78 -10.40 14.82
N ARG A 104 11.03 -10.11 15.13
CA ARG A 104 11.51 -8.73 15.11
C ARG A 104 11.42 -8.07 13.71
N TYR A 105 11.31 -8.89 12.66
CA TYR A 105 11.22 -8.38 11.28
C TYR A 105 9.82 -8.51 10.64
N ILE A 106 8.93 -9.22 11.34
CA ILE A 106 7.62 -9.56 10.81
C ILE A 106 6.55 -9.28 11.88
N ARG A 107 5.85 -8.17 11.75
CA ARG A 107 4.90 -7.71 12.75
C ARG A 107 3.69 -7.06 12.10
N PRO A 108 2.49 -7.25 12.69
CA PRO A 108 1.30 -6.67 12.09
C PRO A 108 1.17 -5.17 12.39
N ILE A 109 0.50 -4.44 11.49
CA ILE A 109 0.18 -3.04 11.73
C ILE A 109 -1.25 -2.91 12.26
N SER A 110 -1.41 -2.05 13.27
CA SER A 110 -2.71 -1.77 13.83
C SER A 110 -3.63 -1.12 12.79
N LEU A 111 -4.88 -1.58 12.76
CA LEU A 111 -5.87 -1.03 11.86
C LEU A 111 -6.70 0.05 12.54
N PRO A 112 -7.00 1.14 11.81
CA PRO A 112 -7.83 2.22 12.39
C PRO A 112 -9.30 1.82 12.49
N ALA A 113 -10.00 2.37 13.48
CA ALA A 113 -11.45 2.24 13.58
C ALA A 113 -12.14 3.00 12.44
N ALA A 114 -13.41 2.69 12.20
CA ALA A 114 -14.18 3.36 11.14
C ALA A 114 -14.14 4.88 11.33
N ASN A 115 -14.16 5.30 12.59
CA ASN A 115 -14.26 6.72 12.90
C ASN A 115 -12.95 7.38 13.29
N ALA A 116 -11.84 6.69 13.01
CA ALA A 116 -10.52 7.26 13.21
C ALA A 116 -10.31 8.37 12.18
N SER A 117 -9.89 9.53 12.68
CA SER A 117 -9.57 10.64 11.81
C SER A 117 -8.08 10.91 11.93
N PHE A 118 -7.46 11.05 10.77
CA PHE A 118 -6.08 11.42 10.69
C PHE A 118 -6.07 12.80 10.05
N PRO A 119 -5.59 13.83 10.78
CA PRO A 119 -5.76 15.21 10.37
C PRO A 119 -4.97 15.58 9.13
N ASN A 120 -5.52 16.50 8.32
CA ASN A 120 -4.78 17.11 7.23
C ASN A 120 -3.41 17.55 7.73
N GLY A 121 -2.38 17.26 6.95
CA GLY A 121 -1.04 17.70 7.27
C GLY A 121 -0.25 16.79 8.19
N LEU A 122 -0.87 15.72 8.69
CA LEU A 122 -0.16 14.71 9.48
C LEU A 122 0.95 14.07 8.65
N HIS A 123 2.16 14.02 9.22
CA HIS A 123 3.32 13.46 8.53
C HIS A 123 3.36 11.95 8.65
N CYS A 124 2.84 11.28 7.62
CA CYS A 124 2.85 9.82 7.57
C CYS A 124 3.99 9.34 6.69
N THR A 125 4.22 8.03 6.65
CA THR A 125 5.29 7.48 5.83
C THR A 125 4.70 6.45 4.86
N VAL A 126 5.09 6.55 3.60
CA VAL A 126 4.76 5.51 2.60
C VAL A 126 6.03 4.74 2.24
N THR A 127 5.90 3.44 2.06
CA THR A 127 7.05 2.55 1.82
C THR A 127 6.80 1.64 0.62
N GLY A 128 7.89 1.18 -0.01
CA GLY A 128 7.79 0.20 -1.07
C GLY A 128 9.06 -0.06 -1.85
N TRP A 129 8.97 -1.05 -2.73
CA TRP A 129 10.07 -1.43 -3.61
C TRP A 129 9.76 -1.04 -5.06
N GLY A 130 8.78 -0.17 -5.23
CA GLY A 130 8.41 0.34 -6.55
C GLY A 130 9.46 1.24 -7.18
N HIS A 131 9.12 1.76 -8.37
CA HIS A 131 10.02 2.59 -9.15
C HIS A 131 10.51 3.83 -8.38
N VAL A 132 11.74 4.24 -8.70
CA VAL A 132 12.34 5.39 -8.02
C VAL A 132 12.21 6.68 -8.83
N ALA A 133 11.60 6.56 -10.01
CA ALA A 133 11.24 7.67 -10.90
C ALA A 133 10.36 7.04 -11.99
N PRO A 134 9.61 7.86 -12.76
CA PRO A 134 8.76 7.23 -13.79
C PRO A 134 9.57 6.29 -14.70
N SER A 135 9.14 5.03 -14.77
CA SER A 135 9.77 3.97 -15.59
C SER A 135 11.21 3.58 -15.21
N VAL A 136 11.66 3.98 -14.02
CA VAL A 136 12.99 3.60 -13.52
C VAL A 136 12.85 2.70 -12.30
N SER A 137 13.23 1.44 -12.47
CA SER A 137 13.23 0.44 -11.40
C SER A 137 14.20 0.81 -10.28
N LEU A 138 13.83 0.47 -9.04
CA LEU A 138 14.77 0.45 -7.91
C LEU A 138 15.91 -0.53 -8.20
N LEU A 139 17.14 -0.07 -8.02
CA LEU A 139 18.32 -0.85 -8.41
C LEU A 139 18.57 -1.97 -7.40
N THR A 140 18.98 -3.14 -7.90
CA THR A 140 19.46 -4.23 -7.05
C THR A 140 20.52 -3.70 -6.05
N PRO A 141 20.54 -4.21 -4.80
CA PRO A 141 19.76 -5.28 -4.18
C PRO A 141 18.35 -4.90 -3.69
N LYS A 142 17.87 -3.74 -4.14
CA LYS A 142 16.51 -3.27 -3.83
C LYS A 142 16.19 -3.13 -2.32
N PRO A 143 16.90 -2.22 -1.62
CA PRO A 143 16.53 -1.97 -0.21
C PRO A 143 15.20 -1.23 -0.14
N LEU A 144 14.37 -1.55 0.85
CA LEU A 144 13.09 -0.90 1.01
C LEU A 144 13.23 0.61 1.08
N GLN A 145 12.42 1.32 0.30
CA GLN A 145 12.37 2.79 0.30
C GLN A 145 11.25 3.35 1.17
N GLN A 146 11.49 4.53 1.76
CA GLN A 146 10.53 5.19 2.63
C GLN A 146 10.47 6.67 2.29
N LEU A 147 9.33 7.28 2.58
CA LEU A 147 9.11 8.69 2.30
C LEU A 147 8.07 9.26 3.24
N GLU A 148 8.43 10.33 3.93
CA GLU A 148 7.47 11.10 4.72
C GLU A 148 6.62 11.95 3.79
N VAL A 149 5.31 11.83 3.99
CA VAL A 149 4.31 12.55 3.20
C VAL A 149 3.22 13.10 4.13
N PRO A 150 2.89 14.40 4.01
CA PRO A 150 1.77 14.95 4.76
C PRO A 150 0.44 14.57 4.12
N LEU A 151 -0.57 14.37 4.95
CA LEU A 151 -1.91 14.05 4.47
C LEU A 151 -2.55 15.23 3.77
N ILE A 152 -3.23 14.94 2.66
CA ILE A 152 -3.92 15.95 1.86
C ILE A 152 -5.37 15.49 1.68
N SER A 153 -6.33 16.34 2.01
CA SER A 153 -7.74 15.97 1.94
C SER A 153 -8.13 15.63 0.51
N ARG A 154 -9.14 14.77 0.36
CA ARG A 154 -9.60 14.42 -0.99
C ARG A 154 -10.08 15.63 -1.79
N GLU A 155 -10.59 16.64 -1.09
CA GLU A 155 -11.11 17.85 -1.74
C GLU A 155 -10.00 18.68 -2.39
N THR A 156 -8.92 18.91 -1.65
CA THR A 156 -7.75 19.62 -2.18
C THR A 156 -7.07 18.78 -3.27
N CYS A 157 -6.95 17.48 -3.01
CA CYS A 157 -6.38 16.55 -3.97
C CYS A 157 -7.11 16.60 -5.33
N ASN A 158 -8.45 16.58 -5.29
CA ASN A 158 -9.25 16.67 -6.52
C ASN A 158 -8.99 17.95 -7.29
N ALA A 159 -8.86 19.07 -6.56
CA ALA A 159 -8.51 20.36 -7.14
C ALA A 159 -7.12 20.33 -7.80
N LEU A 160 -6.16 19.68 -7.15
CA LEU A 160 -4.82 19.51 -7.70
C LEU A 160 -4.83 18.69 -8.99
N TYR A 161 -5.50 17.53 -8.95
CA TYR A 161 -5.63 16.65 -10.13
C TYR A 161 -6.36 17.30 -11.31
N ASN A 162 -7.20 18.30 -11.03
CA ASN A 162 -7.89 19.04 -12.09
C ASN A 162 -6.97 20.01 -12.85
N ILE A 163 -5.80 20.33 -12.28
CA ILE A 163 -4.84 21.24 -12.94
C ILE A 163 -4.10 20.53 -14.07
N ASP A 164 -4.23 21.08 -15.28
CA ASP A 164 -3.60 20.53 -16.50
C ASP A 164 -4.03 19.08 -16.75
N ALA A 165 -5.29 18.77 -16.44
CA ALA A 165 -5.77 17.38 -16.50
C ALA A 165 -6.04 16.88 -17.93
N LYS A 166 -5.80 15.58 -18.12
CA LYS A 166 -6.19 14.89 -19.36
C LYS A 166 -7.69 14.67 -19.33
N PRO A 167 -8.41 15.23 -20.33
CA PRO A 167 -9.88 15.22 -20.42
C PRO A 167 -10.46 13.82 -20.33
N GLU A 168 -9.86 12.88 -21.07
CA GLU A 168 -10.40 11.54 -21.22
C GLU A 168 -10.24 10.69 -19.96
N GLU A 169 -9.49 11.22 -19.00
CA GLU A 169 -9.14 10.46 -17.80
C GLU A 169 -9.98 10.84 -16.60
N PRO A 170 -10.48 9.83 -15.88
CA PRO A 170 -10.90 10.16 -14.54
C PRO A 170 -9.64 10.21 -13.68
N HIS A 171 -9.55 11.25 -12.87
CA HIS A 171 -8.66 11.21 -11.72
C HIS A 171 -9.47 11.75 -10.55
N PHE A 172 -10.48 10.97 -10.18
CA PHE A 172 -11.40 11.36 -9.13
C PHE A 172 -11.08 10.66 -7.81
N VAL A 173 -10.79 11.46 -6.80
CA VAL A 173 -10.49 10.96 -5.47
C VAL A 173 -11.80 10.71 -4.73
N GLN A 174 -12.12 9.43 -4.56
CA GLN A 174 -13.42 8.98 -4.06
C GLN A 174 -13.57 9.23 -2.56
N GLU A 175 -14.78 9.01 -2.04
CA GLU A 175 -15.07 9.24 -0.62
C GLU A 175 -14.28 8.31 0.31
N ASP A 176 -13.84 7.16 -0.21
CA ASP A 176 -13.04 6.20 0.57
C ASP A 176 -11.52 6.43 0.42
N MET A 177 -11.16 7.61 -0.10
CA MET A 177 -9.76 7.89 -0.44
C MET A 177 -9.23 9.15 0.24
N VAL A 178 -7.90 9.20 0.38
CA VAL A 178 -7.20 10.37 0.86
C VAL A 178 -5.95 10.52 0.00
N CYS A 179 -5.33 11.68 0.04
CA CYS A 179 -4.05 11.85 -0.61
C CYS A 179 -2.93 12.14 0.40
N ALA A 180 -1.70 12.06 -0.09
CA ALA A 180 -0.54 12.43 0.69
C ALA A 180 0.59 12.79 -0.27
N GLY A 181 1.32 13.86 0.04
CA GLY A 181 2.45 14.26 -0.78
C GLY A 181 2.65 15.75 -0.81
N TYR A 182 3.01 16.24 -1.98
CA TYR A 182 3.46 17.62 -2.14
C TYR A 182 2.96 18.19 -3.47
N VAL A 183 2.47 19.42 -3.42
CA VAL A 183 1.96 20.13 -4.59
C VAL A 183 3.03 20.19 -5.69
N GLU A 184 4.27 20.39 -5.31
CA GLU A 184 5.36 20.38 -6.29
C GLU A 184 5.75 18.91 -6.53
N GLY A 185 6.65 18.67 -7.48
CA GLY A 185 6.93 17.27 -7.81
C GLY A 185 7.83 16.55 -6.82
N GLY A 186 8.48 15.50 -7.32
CA GLY A 186 9.71 15.01 -6.70
C GLY A 186 9.60 13.87 -5.73
N LYS A 187 8.54 13.86 -4.91
CA LYS A 187 8.44 12.93 -3.79
C LYS A 187 7.07 12.25 -3.72
N ASP A 188 7.05 10.95 -4.02
CA ASP A 188 5.79 10.24 -4.24
C ASP A 188 5.99 8.72 -4.27
N ALA A 189 4.88 7.98 -4.22
CA ALA A 189 4.88 6.55 -4.48
C ALA A 189 4.76 6.31 -6.00
N CYS A 190 5.34 5.20 -6.47
CA CYS A 190 5.37 4.91 -7.91
C CYS A 190 4.89 3.50 -8.18
N GLN A 191 4.86 3.15 -9.46
CA GLN A 191 4.50 1.81 -9.91
C GLN A 191 5.32 0.76 -9.14
N GLY A 192 4.64 -0.24 -8.60
CA GLY A 192 5.31 -1.27 -7.76
C GLY A 192 5.13 -1.00 -6.27
N ASP A 193 4.79 0.24 -5.93
CA ASP A 193 4.49 0.62 -4.54
C ASP A 193 3.02 0.38 -4.17
N SER A 194 2.13 0.32 -5.17
CA SER A 194 0.69 0.20 -4.92
C SER A 194 0.33 -1.01 -4.12
N GLY A 195 -0.71 -0.89 -3.28
CA GLY A 195 -1.10 -1.96 -2.36
C GLY A 195 -0.41 -1.87 -1.01
N GLY A 196 0.69 -1.11 -0.93
CA GLY A 196 1.47 -0.98 0.30
C GLY A 196 0.96 0.08 1.28
N PRO A 197 1.60 0.16 2.47
CA PRO A 197 1.15 0.98 3.58
C PRO A 197 1.43 2.47 3.50
N LEU A 198 0.45 3.25 3.94
CA LEU A 198 0.65 4.60 4.43
C LEU A 198 0.51 4.50 5.95
N SER A 199 1.66 4.51 6.63
CA SER A 199 1.72 4.34 8.09
C SER A 199 1.72 5.72 8.76
N CYS A 200 0.75 5.95 9.65
CA CYS A 200 0.63 7.24 10.35
C CYS A 200 0.85 7.07 11.85
N PRO A 201 1.59 8.00 12.48
CA PRO A 201 1.88 7.92 13.91
C PRO A 201 0.76 8.51 14.78
N VAL A 202 0.21 7.69 15.69
CA VAL A 202 -0.82 8.14 16.62
C VAL A 202 -0.54 7.56 18.01
N GLU A 203 -0.50 8.43 19.01
CA GLU A 203 -0.32 8.05 20.43
C GLU A 203 0.75 6.98 20.65
N GLY A 204 1.94 7.23 20.10
CA GLY A 204 3.07 6.34 20.31
C GLY A 204 3.12 5.12 19.40
N LEU A 205 2.05 4.93 18.62
CA LEU A 205 1.91 3.77 17.73
C LEU A 205 1.86 4.18 16.25
N TRP A 206 1.74 3.18 15.39
CA TRP A 206 1.55 3.39 13.94
C TRP A 206 0.29 2.70 13.47
N TYR A 207 -0.51 3.40 12.68
CA TYR A 207 -1.72 2.83 12.11
C TYR A 207 -1.65 2.77 10.60
N LEU A 208 -2.33 1.78 10.03
CA LEU A 208 -2.49 1.71 8.59
C LEU A 208 -3.59 2.69 8.18
N THR A 209 -3.19 3.90 7.85
CA THR A 209 -4.15 4.91 7.44
C THR A 209 -4.64 4.68 6.01
N GLY A 210 -3.71 4.26 5.15
CA GLY A 210 -3.97 4.21 3.73
C GLY A 210 -3.27 3.04 3.06
N ILE A 211 -3.85 2.62 1.94
CA ILE A 211 -3.29 1.59 1.09
C ILE A 211 -3.03 2.29 -0.26
N VAL A 212 -1.78 2.27 -0.71
CA VAL A 212 -1.42 2.94 -1.98
C VAL A 212 -2.34 2.48 -3.11
N SER A 213 -3.07 3.43 -3.69
CA SER A 213 -4.04 3.10 -4.73
C SER A 213 -3.57 3.51 -6.13
N TRP A 214 -3.66 4.80 -6.45
CA TRP A 214 -3.38 5.27 -7.82
C TRP A 214 -2.82 6.68 -7.86
N GLY A 215 -2.50 7.15 -9.07
CA GLY A 215 -2.00 8.52 -9.28
C GLY A 215 -1.51 8.68 -10.71
N ASP A 216 -1.07 9.88 -11.06
CA ASP A 216 -0.45 10.14 -12.37
C ASP A 216 1.00 9.63 -12.39
N ALA A 217 1.79 10.07 -13.37
CA ALA A 217 3.22 9.78 -13.39
C ALA A 217 3.79 10.19 -12.03
N CYS A 218 4.49 9.26 -11.39
CA CYS A 218 4.93 9.47 -10.01
C CYS A 218 5.90 10.64 -9.86
N GLY A 219 5.59 11.52 -8.90
CA GLY A 219 6.41 12.68 -8.61
C GLY A 219 6.11 13.89 -9.47
N ALA A 220 5.12 13.79 -10.37
CA ALA A 220 4.67 14.94 -11.13
C ALA A 220 4.04 15.98 -10.21
N ARG A 221 4.22 17.26 -10.53
CA ARG A 221 3.55 18.29 -9.76
C ARG A 221 2.02 18.16 -9.85
N ASN A 222 1.34 18.57 -8.78
CA ASN A 222 -0.14 18.54 -8.69
C ASN A 222 -0.75 17.14 -8.80
N ARG A 223 0.04 16.13 -8.46
CA ARG A 223 -0.38 14.73 -8.57
C ARG A 223 0.15 13.93 -7.37
N PRO A 224 -0.27 14.31 -6.14
CA PRO A 224 0.19 13.50 -5.02
C PRO A 224 -0.49 12.13 -5.02
N GLY A 225 0.14 11.16 -4.36
CA GLY A 225 -0.38 9.80 -4.31
C GLY A 225 -1.77 9.71 -3.72
N VAL A 226 -2.56 8.77 -4.23
CA VAL A 226 -3.93 8.53 -3.78
C VAL A 226 -3.96 7.19 -3.04
N TYR A 227 -4.67 7.18 -1.90
CA TYR A 227 -4.69 6.04 -1.01
C TYR A 227 -6.13 5.67 -0.67
N THR A 228 -6.39 4.37 -0.55
CA THR A 228 -7.65 3.92 0.03
C THR A 228 -7.56 4.01 1.56
N LEU A 229 -8.55 4.65 2.19
CA LEU A 229 -8.63 4.72 3.66
C LEU A 229 -8.98 3.37 4.28
N ALA A 230 -8.13 2.88 5.17
CA ALA A 230 -8.44 1.63 5.88
C ALA A 230 -9.67 1.79 6.78
N SER A 231 -9.90 3.02 7.28
CA SER A 231 -11.04 3.31 8.14
C SER A 231 -12.37 3.05 7.43
N SER A 232 -12.40 3.31 6.13
CA SER A 232 -13.61 3.07 5.32
C SER A 232 -14.01 1.59 5.26
N TYR A 233 -13.07 0.71 5.59
CA TYR A 233 -13.32 -0.74 5.50
C TYR A 233 -13.15 -1.49 6.83
N ALA A 234 -13.09 -0.73 7.92
CA ALA A 234 -12.89 -1.33 9.26
C ALA A 234 -13.88 -2.45 9.61
N SER A 235 -15.16 -2.17 9.40
CA SER A 235 -16.23 -3.12 9.72
C SER A 235 -16.17 -4.36 8.85
N TRP A 236 -15.98 -4.16 7.54
CA TRP A 236 -15.86 -5.26 6.58
C TRP A 236 -14.66 -6.15 6.88
N ILE A 237 -13.51 -5.54 7.13
CA ILE A 237 -12.29 -6.28 7.48
C ILE A 237 -12.54 -7.10 8.75
N GLN A 238 -13.05 -6.45 9.80
CA GLN A 238 -13.28 -7.16 11.05
C GLN A 238 -14.25 -8.33 10.83
N SER A 239 -15.30 -8.10 10.06
CA SER A 239 -16.27 -9.16 9.78
C SER A 239 -15.64 -10.35 9.04
N LYS A 240 -14.92 -10.05 7.95
CA LYS A 240 -14.33 -11.10 7.11
C LYS A 240 -13.33 -11.94 7.87
N VAL A 241 -12.42 -11.28 8.60
CA VAL A 241 -11.36 -11.93 9.35
C VAL A 241 -11.90 -12.77 10.53
N THR A 242 -12.93 -12.25 11.20
CA THR A 242 -13.53 -12.97 12.34
C THR A 242 -14.26 -14.23 11.89
N GLU A 243 -15.05 -14.13 10.82
CA GLU A 243 -15.78 -15.27 10.29
C GLU A 243 -14.82 -16.37 9.83
N LEU A 244 -13.69 -15.95 9.27
CA LEU A 244 -12.69 -16.87 8.71
C LEU A 244 -11.43 -17.05 9.58
N GLN A 245 -11.53 -16.74 10.89
CA GLN A 245 -10.39 -16.90 11.80
C GLN A 245 -10.13 -18.35 12.21
#